data_2AJG
#
_entry.id   2AJG
#
_cell.length_a   111.489
_cell.length_b   111.489
_cell.length_c   136.764
_cell.angle_alpha   90.00
_cell.angle_beta   90.00
_cell.angle_gamma   120.00
#
_symmetry.space_group_name_H-M   'P 63 2 2'
#
loop_
_entity.id
_entity.type
_entity.pdbx_description
1 polymer 'Leucyl-tRNA synthetase'
2 water water
#
_entity_poly.entity_id   1
_entity_poly.type   'polypeptide(L)'
_entity_poly.pdbx_seq_one_letter_code
;MHHHHHHAMGEGVEITFNVNDYDNTLTVYTTRPDTFMGCTYLAVAAGHPLAQKAAENNPELAAFIDECRNTKVAEAEMAT
MEKKGVDTGFKAVHPLTGEEIPVWAANFVLMEYGTGAVMAVPGHDQRDYEFASKYGLNIKPVILAADGSEPDLSQQALTE
KGVLFNSGEFNGLDHEAAFNAIADKLTAMGVGERKV
;
_entity_poly.pdbx_strand_id   A,B
#
# COMPACT_ATOMS: atom_id res chain seq x y z
N GLU A 11 18.12 -9.17 9.36
CA GLU A 11 19.12 -8.77 8.31
C GLU A 11 18.71 -7.43 7.71
N GLY A 12 19.71 -6.66 7.28
CA GLY A 12 19.47 -5.32 6.75
C GLY A 12 20.57 -4.94 5.78
N VAL A 13 20.40 -3.80 5.13
CA VAL A 13 21.37 -3.32 4.13
C VAL A 13 21.76 -1.88 4.42
N GLU A 14 23.08 -1.62 4.44
CA GLU A 14 23.62 -0.26 4.39
C GLU A 14 23.72 0.21 2.94
N ILE A 15 23.18 1.39 2.68
CA ILE A 15 23.15 1.93 1.33
C ILE A 15 23.78 3.32 1.31
N THR A 16 24.66 3.56 0.34
CA THR A 16 25.37 4.83 0.21
C THR A 16 24.89 5.61 -1.00
N PHE A 17 24.65 6.91 -0.81
CA PHE A 17 24.17 7.82 -1.84
C PHE A 17 25.24 8.88 -2.10
N ASN A 18 25.45 9.22 -3.36
CA ASN A 18 26.19 10.44 -3.69
C ASN A 18 25.27 11.66 -3.59
N VAL A 19 25.85 12.81 -3.26
CA VAL A 19 25.09 14.07 -3.14
C VAL A 19 25.72 15.12 -4.08
N ASN A 20 24.89 15.76 -4.91
CA ASN A 20 25.40 16.81 -5.80
C ASN A 20 25.99 17.98 -4.99
N ASP A 21 27.19 18.42 -5.40
CA ASP A 21 27.85 19.61 -4.84
C ASP A 21 28.23 19.47 -3.36
N TYR A 22 28.59 18.26 -2.96
CA TYR A 22 28.92 17.95 -1.58
C TYR A 22 30.04 16.90 -1.57
N ASP A 23 31.07 17.16 -0.76
CA ASP A 23 32.33 16.42 -0.79
C ASP A 23 32.28 15.03 -0.17
N ASN A 24 31.13 14.67 0.37
CA ASN A 24 31.00 13.41 1.10
C ASN A 24 29.79 12.62 0.57
N THR A 25 29.60 11.41 1.07
CA THR A 25 28.42 10.63 0.72
C THR A 25 27.49 10.59 1.92
N LEU A 26 26.27 10.07 1.72
CA LEU A 26 25.38 9.79 2.83
C LEU A 26 25.15 8.28 2.91
N THR A 27 25.26 7.74 4.12
CA THR A 27 24.97 6.32 4.32
C THR A 27 23.74 6.11 5.19
N VAL A 28 22.92 5.16 4.78
CA VAL A 28 21.62 4.88 5.36
C VAL A 28 21.58 3.37 5.70
N TYR A 29 20.83 2.98 6.74
CA TYR A 29 20.58 1.57 7.05
C TYR A 29 19.08 1.26 6.93
N THR A 30 18.74 0.15 6.26
CA THR A 30 17.34 -0.26 6.16
C THR A 30 17.14 -1.79 6.27
N THR A 31 16.07 -2.19 6.95
CA THR A 31 15.63 -3.59 6.95
C THR A 31 14.53 -3.80 5.91
N ARG A 32 14.18 -2.74 5.17
CA ARG A 32 13.22 -2.83 4.07
C ARG A 32 13.80 -2.40 2.72
N PRO A 33 14.89 -3.05 2.27
CA PRO A 33 15.46 -2.72 0.95
C PRO A 33 14.47 -3.04 -0.19
N ASP A 34 13.48 -3.87 0.08
CA ASP A 34 12.46 -4.19 -0.93
C ASP A 34 11.64 -2.97 -1.34
N THR A 35 11.57 -1.95 -0.47
CA THR A 35 10.85 -0.71 -0.76
C THR A 35 11.74 0.37 -1.39
N PHE A 36 12.97 0.01 -1.74
CA PHE A 36 13.96 1.03 -2.14
C PHE A 36 13.56 1.91 -3.33
N MET A 37 12.80 1.37 -4.28
CA MET A 37 12.41 2.15 -5.47
C MET A 37 11.38 3.21 -5.10
N GLY A 38 10.78 3.08 -3.92
CA GLY A 38 9.88 4.09 -3.41
C GLY A 38 10.54 5.18 -2.57
N CYS A 39 11.87 5.16 -2.48
CA CYS A 39 12.57 6.18 -1.71
C CYS A 39 12.47 7.52 -2.44
N THR A 40 11.80 8.51 -1.82
CA THR A 40 11.61 9.80 -2.49
C THR A 40 12.35 10.98 -1.87
N TYR A 41 12.98 10.78 -0.72
CA TYR A 41 13.81 11.81 -0.11
C TYR A 41 14.68 11.16 0.97
N LEU A 42 15.73 11.88 1.35
CA LEU A 42 16.52 11.44 2.50
C LEU A 42 16.34 12.43 3.64
N ALA A 43 16.45 11.96 4.87
CA ALA A 43 16.37 12.84 6.03
C ALA A 43 17.62 12.66 6.86
N VAL A 44 18.22 13.77 7.28
CA VAL A 44 19.43 13.73 8.12
C VAL A 44 19.15 14.38 9.48
N ALA A 45 19.94 14.00 10.48
CA ALA A 45 19.82 14.62 11.80
C ALA A 45 20.27 16.08 11.76
N ALA A 46 19.74 16.89 12.68
CA ALA A 46 20.16 18.27 12.86
C ALA A 46 21.68 18.39 13.00
N GLY A 47 22.29 17.42 13.66
CA GLY A 47 23.73 17.43 13.92
C GLY A 47 24.60 16.75 12.87
N HIS A 48 24.01 16.28 11.78
CA HIS A 48 24.75 15.65 10.69
C HIS A 48 25.65 16.66 9.97
N PRO A 49 26.87 16.25 9.60
CA PRO A 49 27.79 17.12 8.84
C PRO A 49 27.17 17.82 7.63
N LEU A 50 26.32 17.13 6.86
CA LEU A 50 25.66 17.74 5.70
C LEU A 50 24.71 18.86 6.14
N ALA A 51 24.03 18.67 7.26
CA ALA A 51 23.15 19.71 7.80
C ALA A 51 23.96 20.94 8.24
N GLN A 52 25.08 20.74 8.93
CA GLN A 52 25.93 21.88 9.31
C GLN A 52 26.51 22.59 8.09
N LYS A 53 27.01 21.81 7.12
CA LYS A 53 27.47 22.38 5.85
C LYS A 53 26.41 23.27 5.18
N ALA A 54 25.16 22.78 5.12
CA ALA A 54 24.08 23.52 4.48
C ALA A 54 23.63 24.73 5.29
N ALA A 55 23.87 24.70 6.60
CA ALA A 55 23.46 25.78 7.50
C ALA A 55 24.24 27.08 7.25
N GLU A 56 25.47 26.93 6.76
CA GLU A 56 26.33 28.06 6.39
C GLU A 56 25.63 29.06 5.47
N ASN A 57 24.85 28.56 4.51
CA ASN A 57 24.14 29.42 3.55
C ASN A 57 22.61 29.32 3.66
N ASN A 58 22.11 29.18 4.90
CA ASN A 58 20.69 28.95 5.18
C ASN A 58 20.34 29.27 6.64
N PRO A 59 19.69 30.42 6.86
CA PRO A 59 19.43 30.89 8.24
C PRO A 59 18.25 30.17 8.91
N GLU A 60 17.27 29.73 8.11
CA GLU A 60 16.17 28.89 8.59
C GLU A 60 16.71 27.59 9.18
N LEU A 61 17.65 26.97 8.47
CA LEU A 61 18.30 25.74 8.92
C LEU A 61 19.09 25.98 10.21
N ALA A 62 19.84 27.08 10.25
CA ALA A 62 20.54 27.48 11.48
C ALA A 62 19.58 27.54 12.67
N ALA A 63 18.44 28.18 12.46
CA ALA A 63 17.42 28.28 13.50
C ALA A 63 16.87 26.89 13.91
N PHE A 64 16.47 26.11 12.92
CA PHE A 64 16.04 24.71 13.12
C PHE A 64 17.04 23.90 13.94
N ILE A 65 18.32 23.95 13.56
CA ILE A 65 19.38 23.20 14.24
C ILE A 65 19.51 23.61 15.72
N ASP A 66 19.40 24.90 16.01
CA ASP A 66 19.47 25.38 17.39
C ASP A 66 18.28 24.91 18.21
N GLU A 67 17.08 24.98 17.63
CA GLU A 67 15.88 24.42 18.27
C GLU A 67 16.02 22.95 18.63
N CYS A 68 16.57 22.15 17.70
CA CYS A 68 16.71 20.71 17.94
C CYS A 68 17.73 20.44 19.05
N ARG A 69 18.76 21.28 19.12
CA ARG A 69 19.79 21.22 20.16
C ARG A 69 19.16 21.19 21.54
N ASN A 70 18.19 22.06 21.77
CA ASN A 70 17.48 22.12 23.04
C ASN A 70 16.64 20.89 23.31
N THR A 71 15.81 20.51 22.33
CA THR A 71 14.96 19.33 22.45
C THR A 71 15.75 18.02 22.33
N LYS A 72 15.93 17.32 23.43
CA LYS A 72 16.38 15.93 23.30
C LYS A 72 15.14 15.06 23.09
N VAL A 73 15.04 14.49 21.89
CA VAL A 73 13.95 13.56 21.58
C VAL A 73 14.40 12.12 21.75
N ALA A 74 13.62 11.35 22.49
CA ALA A 74 13.91 9.93 22.69
C ALA A 74 13.17 9.11 21.63
N GLU A 75 13.85 8.11 21.06
CA GLU A 75 13.23 7.24 20.05
C GLU A 75 11.80 6.83 20.44
N ALA A 76 11.63 6.45 21.70
CA ALA A 76 10.37 5.88 22.14
C ALA A 76 9.24 6.90 22.34
N GLU A 77 9.59 8.19 22.39
CA GLU A 77 8.61 9.27 22.61
C GLU A 77 8.22 9.97 21.30
N MET A 78 8.72 9.45 20.19
CA MET A 78 8.59 10.12 18.91
C MET A 78 7.21 10.00 18.27
N ALA A 79 6.58 8.83 18.42
CA ALA A 79 5.20 8.64 17.95
C ALA A 79 4.28 9.78 18.40
N THR A 80 4.66 10.41 19.50
CA THR A 80 3.87 11.45 20.15
C THR A 80 4.31 12.89 19.79
N MET A 81 5.51 13.03 19.23
CA MET A 81 6.12 14.34 19.02
C MET A 81 5.71 14.99 17.70
N GLU A 82 5.72 16.32 17.66
CA GLU A 82 5.52 17.03 16.41
C GLU A 82 6.76 16.90 15.53
N LYS A 83 6.59 16.30 14.36
CA LYS A 83 7.71 16.11 13.45
C LYS A 83 7.97 17.42 12.72
N LYS A 84 9.24 17.79 12.59
CA LYS A 84 9.60 19.06 11.97
C LYS A 84 10.83 18.89 11.10
N GLY A 85 10.88 19.63 10.00
CA GLY A 85 12.05 19.57 9.14
C GLY A 85 12.26 20.79 8.27
N VAL A 86 13.45 20.88 7.68
CA VAL A 86 13.81 21.95 6.76
C VAL A 86 14.53 21.34 5.57
N ASP A 87 14.14 21.73 4.37
CA ASP A 87 14.86 21.33 3.17
C ASP A 87 16.28 21.89 3.24
N THR A 88 17.29 21.03 3.09
CA THR A 88 18.68 21.50 3.10
C THR A 88 19.09 22.12 1.76
N GLY A 89 18.30 21.86 0.72
CA GLY A 89 18.65 22.30 -0.62
C GLY A 89 19.64 21.36 -1.33
N PHE A 90 20.24 20.43 -0.60
CA PHE A 90 21.08 19.40 -1.22
C PHE A 90 20.23 18.33 -1.91
N LYS A 91 20.73 17.79 -3.02
CA LYS A 91 20.08 16.69 -3.74
C LYS A 91 20.97 15.45 -3.73
N ALA A 92 20.41 14.33 -3.28
CA ALA A 92 21.04 13.02 -3.39
C ALA A 92 20.59 12.39 -4.71
N VAL A 93 21.41 11.50 -5.28
CA VAL A 93 21.03 10.78 -6.49
C VAL A 93 20.62 9.36 -6.08
N HIS A 94 19.40 8.95 -6.42
CA HIS A 94 18.93 7.60 -6.09
C HIS A 94 19.74 6.67 -6.97
N PRO A 95 20.54 5.76 -6.39
CA PRO A 95 21.50 4.99 -7.21
C PRO A 95 20.91 4.01 -8.23
N LEU A 96 19.65 3.63 -8.13
CA LEU A 96 19.10 2.65 -9.08
C LEU A 96 18.26 3.36 -10.14
N THR A 97 17.75 4.50 -9.75
CA THR A 97 16.84 5.26 -10.55
C THR A 97 17.61 6.39 -11.28
N GLY A 98 18.70 6.86 -10.68
CA GLY A 98 19.47 7.96 -11.24
C GLY A 98 18.81 9.33 -11.06
N GLU A 99 17.64 9.37 -10.44
CA GLU A 99 16.95 10.65 -10.22
C GLU A 99 17.40 11.35 -8.93
N GLU A 100 17.36 12.68 -8.95
CA GLU A 100 17.69 13.46 -7.75
C GLU A 100 16.52 13.45 -6.78
N ILE A 101 16.84 13.29 -5.50
CA ILE A 101 15.85 13.41 -4.44
C ILE A 101 16.38 14.39 -3.40
N PRO A 102 15.49 15.15 -2.77
CA PRO A 102 15.90 16.13 -1.76
C PRO A 102 16.36 15.49 -0.47
N VAL A 103 17.28 16.18 0.19
CA VAL A 103 17.75 15.83 1.51
C VAL A 103 17.19 16.86 2.47
N TRP A 104 16.37 16.39 3.40
CA TRP A 104 15.80 17.21 4.45
C TRP A 104 16.51 16.98 5.79
N ALA A 105 16.61 18.05 6.60
CA ALA A 105 16.95 17.89 8.01
C ALA A 105 15.65 17.68 8.77
N ALA A 106 15.64 16.75 9.71
CA ALA A 106 14.41 16.42 10.44
C ALA A 106 14.73 16.21 11.91
N ASN A 107 13.77 16.53 12.79
CA ASN A 107 14.03 16.39 14.23
C ASN A 107 14.00 14.95 14.76
N PHE A 108 13.43 14.03 13.98
CA PHE A 108 13.30 12.64 14.44
C PHE A 108 14.47 11.72 14.06
N VAL A 109 15.46 12.27 13.35
CA VAL A 109 16.65 11.50 13.00
C VAL A 109 17.74 11.87 13.99
N LEU A 110 18.34 10.86 14.61
CA LEU A 110 19.35 11.10 15.65
C LEU A 110 20.74 10.62 15.23
N MET A 111 21.76 11.13 15.92
CA MET A 111 23.16 10.80 15.64
C MET A 111 23.69 9.64 16.51
N GLU A 112 23.08 9.39 17.67
CA GLU A 112 23.70 8.50 18.66
C GLU A 112 23.89 7.03 18.21
N TYR A 113 22.81 6.42 17.75
CA TYR A 113 22.87 5.07 17.19
C TYR A 113 22.63 5.23 15.68
N GLY A 114 23.54 4.69 14.87
CA GLY A 114 23.40 4.80 13.41
C GLY A 114 24.13 5.96 12.75
N THR A 115 23.83 6.17 11.47
CA THR A 115 24.58 7.11 10.62
C THR A 115 24.09 8.56 10.68
N GLY A 116 22.91 8.75 11.27
CA GLY A 116 22.33 10.09 11.33
C GLY A 116 21.63 10.44 10.03
N ALA A 117 21.40 9.44 9.19
CA ALA A 117 20.68 9.62 7.93
C ALA A 117 19.76 8.44 7.64
N VAL A 118 18.57 8.75 7.15
CA VAL A 118 17.58 7.72 6.82
C VAL A 118 17.06 7.90 5.39
N MET A 119 16.71 6.77 4.76
CA MET A 119 16.05 6.81 3.46
C MET A 119 14.55 6.75 3.74
N ALA A 120 13.81 7.70 3.19
CA ALA A 120 12.37 7.76 3.44
C ALA A 120 11.57 7.15 2.31
N VAL A 121 10.60 6.30 2.68
CA VAL A 121 9.67 5.68 1.74
C VAL A 121 8.26 5.96 2.25
N PRO A 122 7.73 7.15 1.99
CA PRO A 122 6.43 7.53 2.57
C PRO A 122 5.27 6.62 2.17
N GLY A 123 5.33 5.93 1.04
CA GLY A 123 4.24 5.04 0.66
C GLY A 123 4.15 3.80 1.55
N HIS A 124 5.23 3.48 2.25
CA HIS A 124 5.33 2.18 2.93
C HIS A 124 5.96 2.22 4.31
N ASP A 125 6.12 3.43 4.84
CA ASP A 125 6.60 3.61 6.21
C ASP A 125 5.76 4.74 6.79
N GLN A 126 5.07 4.44 7.88
CA GLN A 126 4.07 5.35 8.45
C GLN A 126 4.62 6.69 8.93
N ARG A 127 5.76 6.66 9.61
CA ARG A 127 6.45 7.88 10.03
C ARG A 127 6.81 8.74 8.81
N ASP A 128 7.42 8.10 7.80
CA ASP A 128 7.70 8.78 6.53
C ASP A 128 6.44 9.36 5.89
N TYR A 129 5.34 8.61 5.89
CA TYR A 129 4.08 9.09 5.32
C TYR A 129 3.63 10.42 5.94
N GLU A 130 3.70 10.50 7.27
CA GLU A 130 3.26 11.68 8.01
C GLU A 130 4.14 12.92 7.74
N PHE A 131 5.45 12.73 7.66
CA PHE A 131 6.40 13.82 7.37
C PHE A 131 6.23 14.33 5.95
N ALA A 132 6.14 13.41 4.98
CA ALA A 132 5.88 13.75 3.57
C ALA A 132 4.53 14.44 3.35
N SER A 133 3.50 14.01 4.07
CA SER A 133 2.18 14.65 3.96
C SER A 133 2.25 16.09 4.44
N LYS A 134 2.92 16.30 5.57
CA LYS A 134 3.06 17.62 6.18
C LYS A 134 3.84 18.61 5.30
N TYR A 135 4.88 18.12 4.62
CA TYR A 135 5.73 18.99 3.81
C TYR A 135 5.51 18.90 2.29
N GLY A 136 4.54 18.11 1.87
CA GLY A 136 4.23 17.99 0.45
C GLY A 136 5.31 17.27 -0.35
N LEU A 137 5.92 16.25 0.24
CA LEU A 137 6.91 15.44 -0.46
C LEU A 137 6.22 14.31 -1.22
N ASN A 138 6.92 13.72 -2.20
CA ASN A 138 6.34 12.68 -3.04
C ASN A 138 6.08 11.40 -2.27
N ILE A 139 4.86 10.88 -2.42
CA ILE A 139 4.46 9.58 -1.86
C ILE A 139 4.33 8.62 -3.03
N LYS A 140 5.32 7.73 -3.18
CA LYS A 140 5.40 6.87 -4.36
C LYS A 140 5.11 5.42 -3.95
N PRO A 141 4.09 4.79 -4.52
CA PRO A 141 3.78 3.39 -4.21
C PRO A 141 4.65 2.41 -4.98
N VAL A 142 5.18 1.40 -4.30
CA VAL A 142 5.94 0.36 -4.99
C VAL A 142 5.63 -1.05 -4.48
N ILE A 143 4.71 -1.15 -3.51
CA ILE A 143 4.20 -2.44 -3.03
C ILE A 143 2.70 -2.52 -3.28
N LEU A 144 2.28 -3.61 -3.92
CA LEU A 144 0.87 -3.90 -4.15
C LEU A 144 0.16 -4.35 -2.88
N ALA A 145 -1.12 -3.98 -2.72
CA ALA A 145 -1.95 -4.53 -1.65
C ALA A 145 -2.00 -6.05 -1.79
N ALA A 146 -2.42 -6.76 -0.74
CA ALA A 146 -2.37 -8.22 -0.73
C ALA A 146 -3.28 -8.88 -1.78
N ASP A 147 -4.36 -8.19 -2.15
CA ASP A 147 -5.25 -8.72 -3.18
C ASP A 147 -4.75 -8.41 -4.60
N GLY A 148 -3.59 -7.75 -4.67
CA GLY A 148 -2.93 -7.52 -5.94
C GLY A 148 -3.22 -6.18 -6.57
N SER A 149 -4.07 -5.39 -5.93
CA SER A 149 -4.41 -4.05 -6.39
C SER A 149 -3.35 -3.02 -5.99
N GLU A 150 -3.38 -1.86 -6.64
CA GLU A 150 -2.62 -0.71 -6.20
C GLU A 150 -3.06 -0.35 -4.79
N PRO A 151 -2.10 -0.02 -3.92
CA PRO A 151 -2.41 0.27 -2.51
C PRO A 151 -3.26 1.53 -2.37
N ASP A 152 -4.12 1.56 -1.36
CA ASP A 152 -4.83 2.78 -0.98
C ASP A 152 -3.91 3.56 -0.05
N LEU A 153 -3.36 4.63 -0.58
CA LEU A 153 -2.41 5.47 0.15
C LEU A 153 -3.04 6.82 0.50
N SER A 154 -4.35 6.93 0.31
CA SER A 154 -5.04 8.20 0.46
C SER A 154 -5.07 8.67 1.92
N GLN A 155 -4.88 7.73 2.86
CA GLN A 155 -5.00 8.04 4.29
C GLN A 155 -3.74 7.68 5.09
N GLN A 156 -3.09 6.59 4.71
CA GLN A 156 -1.92 6.09 5.44
C GLN A 156 -1.01 5.21 4.59
N ALA A 157 0.15 4.85 5.12
CA ALA A 157 1.14 4.07 4.38
C ALA A 157 0.72 2.61 4.40
N LEU A 158 1.14 1.86 3.38
CA LEU A 158 0.90 0.43 3.36
C LEU A 158 2.19 -0.22 3.80
N THR A 159 2.20 -0.73 5.02
CA THR A 159 3.43 -1.30 5.56
C THR A 159 3.56 -2.80 5.33
N GLU A 160 2.50 -3.49 4.92
CA GLU A 160 2.64 -4.95 4.72
C GLU A 160 3.55 -5.29 3.55
N LYS A 161 4.42 -6.26 3.79
CA LYS A 161 5.27 -6.84 2.77
C LYS A 161 4.40 -7.44 1.67
N GLY A 162 4.81 -7.24 0.42
CA GLY A 162 4.01 -7.63 -0.74
C GLY A 162 4.81 -7.65 -2.03
N VAL A 163 4.10 -7.78 -3.15
CA VAL A 163 4.71 -7.89 -4.47
C VAL A 163 5.01 -6.48 -4.94
N LEU A 164 6.16 -6.31 -5.58
CA LEU A 164 6.58 -5.00 -6.04
C LEU A 164 5.95 -4.63 -7.36
N PHE A 165 5.65 -3.35 -7.51
CA PHE A 165 5.31 -2.79 -8.80
C PHE A 165 5.97 -1.42 -8.86
N ASN A 166 5.94 -0.77 -10.03
CA ASN A 166 6.46 0.59 -10.18
C ASN A 166 7.92 0.69 -9.71
N SER A 167 8.63 -0.43 -9.87
CA SER A 167 9.97 -0.66 -9.34
C SER A 167 10.88 -1.19 -10.45
N GLY A 168 10.56 -0.88 -11.69
CA GLY A 168 11.41 -1.24 -12.82
C GLY A 168 11.70 -2.73 -12.86
N GLU A 169 12.98 -3.08 -12.80
CA GLU A 169 13.42 -4.46 -13.04
C GLU A 169 12.99 -5.41 -11.94
N PHE A 170 12.60 -4.84 -10.81
CA PHE A 170 12.23 -5.62 -9.65
C PHE A 170 10.71 -5.88 -9.57
N ASN A 171 9.96 -5.41 -10.58
CA ASN A 171 8.52 -5.60 -10.59
C ASN A 171 8.14 -7.07 -10.57
N GLY A 172 7.05 -7.36 -9.89
CA GLY A 172 6.54 -8.72 -9.87
C GLY A 172 7.21 -9.60 -8.86
N LEU A 173 8.30 -9.13 -8.25
CA LEU A 173 8.99 -9.95 -7.24
C LEU A 173 8.28 -9.90 -5.92
N ASP A 174 8.14 -11.05 -5.26
CA ASP A 174 7.61 -11.04 -3.89
C ASP A 174 8.66 -10.55 -2.90
N HIS A 175 8.27 -10.45 -1.62
CA HIS A 175 9.07 -9.76 -0.63
C HIS A 175 10.51 -10.26 -0.49
N GLU A 176 10.67 -11.57 -0.26
CA GLU A 176 11.99 -12.14 -0.06
C GLU A 176 12.84 -12.06 -1.32
N ALA A 177 12.22 -12.30 -2.48
CA ALA A 177 12.91 -12.20 -3.76
C ALA A 177 13.37 -10.78 -4.03
N ALA A 178 12.51 -9.80 -3.72
CA ALA A 178 12.83 -8.38 -3.90
C ALA A 178 13.91 -7.93 -2.92
N PHE A 179 13.77 -8.33 -1.65
CA PHE A 179 14.76 -8.00 -0.63
C PHE A 179 16.14 -8.39 -1.15
N ASN A 180 16.27 -9.66 -1.56
CA ASN A 180 17.53 -10.18 -2.07
C ASN A 180 17.99 -9.57 -3.37
N ALA A 181 17.05 -9.32 -4.29
CA ALA A 181 17.42 -8.79 -5.61
C ALA A 181 17.95 -7.36 -5.54
N ILE A 182 17.34 -6.54 -4.70
CA ILE A 182 17.77 -5.17 -4.52
C ILE A 182 19.09 -5.08 -3.70
N ALA A 183 19.18 -5.89 -2.65
CA ALA A 183 20.44 -6.00 -1.90
C ALA A 183 21.60 -6.43 -2.81
N ASP A 184 21.36 -7.41 -3.69
CA ASP A 184 22.40 -7.88 -4.61
C ASP A 184 22.79 -6.82 -5.63
N LYS A 185 21.81 -6.08 -6.15
CA LYS A 185 22.04 -5.04 -7.15
C LYS A 185 22.96 -3.96 -6.57
N LEU A 186 22.64 -3.54 -5.36
CA LEU A 186 23.38 -2.47 -4.69
C LEU A 186 24.78 -2.93 -4.31
N THR A 187 24.89 -4.17 -3.81
CA THR A 187 26.19 -4.78 -3.55
C THR A 187 27.09 -4.84 -4.80
N ALA A 188 26.55 -5.27 -5.93
CA ALA A 188 27.34 -5.40 -7.16
C ALA A 188 27.78 -4.03 -7.72
N MET A 189 27.04 -2.99 -7.33
CA MET A 189 27.31 -1.62 -7.75
C MET A 189 28.29 -0.91 -6.81
N GLY A 190 28.64 -1.57 -5.71
CA GLY A 190 29.57 -1.03 -4.72
C GLY A 190 28.97 0.01 -3.78
N VAL A 191 27.64 0.03 -3.67
CA VAL A 191 26.97 1.02 -2.81
C VAL A 191 26.02 0.42 -1.78
N GLY A 192 26.05 -0.90 -1.64
CA GLY A 192 25.23 -1.58 -0.66
C GLY A 192 26.02 -2.64 0.07
N GLU A 193 25.71 -2.83 1.33
CA GLU A 193 26.34 -3.89 2.09
C GLU A 193 25.36 -4.55 3.03
N ARG A 194 25.17 -5.85 2.84
CA ARG A 194 24.37 -6.62 3.79
C ARG A 194 25.04 -6.60 5.15
N LYS A 195 24.23 -6.43 6.19
CA LYS A 195 24.69 -6.47 7.57
C LYS A 195 24.09 -7.68 8.26
N VAL A 196 24.90 -8.37 9.06
CA VAL A 196 24.42 -9.53 9.83
C VAL A 196 23.58 -9.10 11.03
N GLU B 11 -2.57 -18.06 4.70
CA GLU B 11 -2.70 -16.62 5.10
C GLU B 11 -3.68 -15.84 4.21
N GLY B 12 -4.06 -16.42 3.08
CA GLY B 12 -5.11 -15.85 2.25
C GLY B 12 -5.92 -16.95 1.55
N VAL B 13 -7.02 -16.54 0.92
CA VAL B 13 -7.88 -17.50 0.21
C VAL B 13 -8.10 -17.02 -1.23
N GLU B 14 -7.84 -17.93 -2.17
CA GLU B 14 -8.17 -17.68 -3.56
C GLU B 14 -9.60 -18.20 -3.84
N ILE B 15 -10.42 -17.40 -4.54
CA ILE B 15 -11.82 -17.77 -4.80
C ILE B 15 -12.13 -17.53 -6.27
N THR B 16 -12.76 -18.50 -6.92
CA THR B 16 -13.19 -18.37 -8.30
C THR B 16 -14.72 -18.23 -8.42
N PHE B 17 -15.16 -17.20 -9.13
CA PHE B 17 -16.60 -16.89 -9.25
C PHE B 17 -17.08 -17.25 -10.65
N ASN B 18 -18.31 -17.76 -10.75
CA ASN B 18 -19.00 -17.83 -12.03
C ASN B 18 -19.64 -16.49 -12.33
N VAL B 19 -19.77 -16.17 -13.61
CA VAL B 19 -20.38 -14.92 -14.05
C VAL B 19 -21.50 -15.28 -15.00
N ASN B 20 -22.71 -14.76 -14.76
CA ASN B 20 -23.85 -15.04 -15.64
C ASN B 20 -23.68 -14.50 -17.06
N ASP B 21 -24.11 -15.29 -18.05
CA ASP B 21 -24.04 -14.94 -19.47
C ASP B 21 -22.62 -14.62 -19.93
N TYR B 22 -21.66 -15.35 -19.38
CA TYR B 22 -20.26 -15.13 -19.69
C TYR B 22 -19.58 -16.48 -19.64
N ASP B 23 -18.75 -16.74 -20.64
CA ASP B 23 -18.17 -18.05 -20.86
C ASP B 23 -16.98 -18.40 -19.98
N ASN B 24 -16.60 -17.48 -19.10
CA ASN B 24 -15.41 -17.67 -18.27
C ASN B 24 -15.67 -17.33 -16.80
N THR B 25 -14.62 -17.39 -15.98
CA THR B 25 -14.74 -17.12 -14.55
C THR B 25 -13.86 -15.94 -14.16
N LEU B 26 -13.99 -15.49 -12.90
CA LEU B 26 -13.09 -14.49 -12.34
C LEU B 26 -12.45 -15.13 -11.13
N THR B 27 -11.18 -14.84 -10.88
CA THR B 27 -10.53 -15.35 -9.68
C THR B 27 -9.99 -14.18 -8.87
N VAL B 28 -10.20 -14.21 -7.55
CA VAL B 28 -9.74 -13.15 -6.66
C VAL B 28 -8.95 -13.78 -5.52
N TYR B 29 -8.21 -12.94 -4.80
CA TYR B 29 -7.47 -13.39 -3.63
C TYR B 29 -7.69 -12.41 -2.51
N THR B 30 -7.96 -12.93 -1.32
CA THR B 30 -8.22 -12.07 -0.19
C THR B 30 -7.52 -12.57 1.06
N THR B 31 -7.00 -11.65 1.87
CA THR B 31 -6.50 -12.03 3.20
C THR B 31 -7.57 -11.74 4.26
N ARG B 32 -8.76 -11.35 3.82
CA ARG B 32 -9.90 -11.19 4.72
C ARG B 32 -11.11 -12.07 4.37
N PRO B 33 -10.94 -13.39 4.23
CA PRO B 33 -12.08 -14.27 3.88
C PRO B 33 -13.11 -14.27 5.01
N ASP B 34 -12.72 -13.85 6.22
CA ASP B 34 -13.68 -13.73 7.31
C ASP B 34 -14.80 -12.72 6.98
N THR B 35 -14.51 -11.76 6.11
CA THR B 35 -15.48 -10.74 5.71
C THR B 35 -16.22 -11.10 4.41
N PHE B 36 -16.06 -12.33 3.94
CA PHE B 36 -16.58 -12.74 2.62
C PHE B 36 -18.10 -12.58 2.43
N MET B 37 -18.88 -12.78 3.48
CA MET B 37 -20.34 -12.66 3.39
C MET B 37 -20.76 -11.21 3.12
N GLY B 38 -19.81 -10.30 3.31
CA GLY B 38 -20.01 -8.89 3.03
C GLY B 38 -19.57 -8.42 1.65
N CYS B 39 -19.17 -9.35 0.79
CA CYS B 39 -18.79 -9.03 -0.57
C CYS B 39 -20.02 -8.73 -1.41
N THR B 40 -20.13 -7.49 -1.91
CA THR B 40 -21.34 -7.02 -2.62
C THR B 40 -21.08 -6.62 -4.07
N TYR B 41 -19.82 -6.72 -4.48
CA TYR B 41 -19.41 -6.52 -5.86
C TYR B 41 -17.97 -6.98 -6.08
N LEU B 42 -17.63 -7.19 -7.35
CA LEU B 42 -16.27 -7.53 -7.79
C LEU B 42 -15.76 -6.37 -8.62
N ALA B 43 -14.45 -6.17 -8.62
CA ALA B 43 -13.85 -5.13 -9.47
C ALA B 43 -12.80 -5.76 -10.36
N VAL B 44 -12.79 -5.39 -11.64
CA VAL B 44 -11.77 -5.92 -12.54
C VAL B 44 -10.94 -4.80 -13.17
N ALA B 45 -9.76 -5.16 -13.68
CA ALA B 45 -8.88 -4.26 -14.40
C ALA B 45 -9.53 -3.84 -15.71
N ALA B 46 -9.26 -2.62 -16.17
CA ALA B 46 -9.78 -2.15 -17.45
C ALA B 46 -9.30 -3.04 -18.60
N GLY B 47 -8.14 -3.68 -18.42
CA GLY B 47 -7.59 -4.54 -19.44
C GLY B 47 -8.14 -5.96 -19.39
N HIS B 48 -9.00 -6.25 -18.43
CA HIS B 48 -9.54 -7.60 -18.26
C HIS B 48 -10.47 -8.00 -19.41
N PRO B 49 -10.33 -9.22 -19.93
CA PRO B 49 -11.17 -9.67 -21.06
C PRO B 49 -12.65 -9.45 -20.82
N LEU B 50 -13.10 -9.60 -19.58
CA LEU B 50 -14.52 -9.36 -19.26
C LEU B 50 -14.92 -7.92 -19.56
N ALA B 51 -14.07 -6.96 -19.18
CA ALA B 51 -14.35 -5.55 -19.43
C ALA B 51 -14.32 -5.22 -20.92
N GLN B 52 -13.37 -5.82 -21.65
CA GLN B 52 -13.32 -5.73 -23.11
C GLN B 52 -14.61 -6.20 -23.76
N LYS B 53 -15.03 -7.42 -23.40
CA LYS B 53 -16.28 -7.99 -23.88
C LYS B 53 -17.46 -7.03 -23.62
N ALA B 54 -17.56 -6.54 -22.38
CA ALA B 54 -18.61 -5.60 -22.01
C ALA B 54 -18.55 -4.28 -22.78
N ALA B 55 -17.34 -3.85 -23.12
CA ALA B 55 -17.12 -2.58 -23.84
C ALA B 55 -17.71 -2.58 -25.25
N GLU B 56 -17.79 -3.76 -25.86
CA GLU B 56 -18.31 -3.93 -27.23
C GLU B 56 -19.63 -3.19 -27.46
N ASN B 57 -20.49 -3.18 -26.44
CA ASN B 57 -21.75 -2.45 -26.48
C ASN B 57 -21.93 -1.53 -25.26
N ASN B 58 -20.92 -0.72 -24.99
CA ASN B 58 -20.90 0.22 -23.86
C ASN B 58 -19.87 1.34 -24.07
N PRO B 59 -20.25 2.40 -24.78
CA PRO B 59 -19.33 3.51 -25.07
C PRO B 59 -18.70 4.21 -23.85
N GLU B 60 -19.39 4.26 -22.71
CA GLU B 60 -18.81 4.85 -21.51
C GLU B 60 -17.66 3.99 -20.97
N LEU B 61 -17.83 2.67 -21.01
CA LEU B 61 -16.77 1.73 -20.67
C LEU B 61 -15.60 1.86 -21.65
N ALA B 62 -15.91 2.07 -22.93
CA ALA B 62 -14.90 2.33 -23.96
C ALA B 62 -14.10 3.61 -23.64
N ALA B 63 -14.80 4.64 -23.18
CA ALA B 63 -14.16 5.90 -22.76
C ALA B 63 -13.30 5.68 -21.52
N PHE B 64 -13.77 4.84 -20.60
CA PHE B 64 -13.04 4.54 -19.37
C PHE B 64 -11.81 3.71 -19.64
N ILE B 65 -11.97 2.67 -20.47
CA ILE B 65 -10.86 1.76 -20.79
C ILE B 65 -9.77 2.50 -21.54
N ASP B 66 -10.16 3.35 -22.48
CA ASP B 66 -9.18 4.10 -23.26
C ASP B 66 -8.47 5.16 -22.42
N GLU B 67 -9.18 5.71 -21.43
CA GLU B 67 -8.58 6.66 -20.49
C GLU B 67 -7.55 6.02 -19.58
N CYS B 68 -7.87 4.83 -19.06
CA CYS B 68 -6.94 4.07 -18.21
C CYS B 68 -5.66 3.72 -18.96
N ARG B 69 -5.82 3.28 -20.23
CA ARG B 69 -4.69 2.99 -21.13
C ARG B 69 -3.68 4.14 -21.21
N ASN B 70 -4.18 5.37 -21.32
CA ASN B 70 -3.34 6.57 -21.45
C ASN B 70 -4.05 7.85 -20.98
N GLU B 82 -7.48 9.05 -7.37
CA GLU B 82 -8.89 8.96 -6.99
C GLU B 82 -9.63 7.81 -7.68
N LYS B 83 -10.34 7.01 -6.89
CA LYS B 83 -11.08 5.83 -7.38
C LYS B 83 -12.10 6.16 -8.46
N LYS B 84 -11.93 5.52 -9.61
CA LYS B 84 -12.83 5.65 -10.76
C LYS B 84 -13.32 4.28 -11.19
N GLY B 85 -14.56 4.22 -11.64
CA GLY B 85 -15.12 2.97 -12.16
C GLY B 85 -16.26 3.14 -13.15
N VAL B 86 -16.57 2.06 -13.86
CA VAL B 86 -17.75 1.96 -14.73
C VAL B 86 -18.32 0.55 -14.60
N ASP B 87 -19.63 0.46 -14.39
CA ASP B 87 -20.33 -0.83 -14.30
C ASP B 87 -20.16 -1.60 -15.62
N THR B 88 -19.81 -2.88 -15.55
CA THR B 88 -19.66 -3.65 -16.80
C THR B 88 -20.99 -4.25 -17.26
N GLY B 89 -21.96 -4.29 -16.35
CA GLY B 89 -23.25 -4.90 -16.65
C GLY B 89 -23.36 -6.36 -16.23
N PHE B 90 -22.22 -7.03 -16.09
CA PHE B 90 -22.14 -8.45 -15.77
C PHE B 90 -22.38 -8.72 -14.29
N LYS B 91 -22.98 -9.88 -14.00
CA LYS B 91 -23.22 -10.28 -12.63
C LYS B 91 -22.44 -11.54 -12.31
N ALA B 92 -21.62 -11.47 -11.27
CA ALA B 92 -21.03 -12.67 -10.70
C ALA B 92 -21.99 -13.26 -9.67
N VAL B 93 -21.85 -14.56 -9.40
CA VAL B 93 -22.71 -15.22 -8.42
C VAL B 93 -21.92 -15.50 -7.13
N HIS B 94 -22.35 -14.90 -6.03
CA HIS B 94 -21.70 -15.15 -4.74
C HIS B 94 -21.96 -16.60 -4.34
N PRO B 95 -20.89 -17.40 -4.19
CA PRO B 95 -21.03 -18.85 -3.94
C PRO B 95 -21.62 -19.26 -2.59
N LEU B 96 -21.67 -18.37 -1.62
CA LEU B 96 -22.21 -18.74 -0.32
C LEU B 96 -23.55 -18.07 -0.10
N THR B 97 -23.68 -16.90 -0.69
CA THR B 97 -24.85 -16.08 -0.57
C THR B 97 -25.89 -16.45 -1.63
N GLY B 98 -25.42 -16.96 -2.77
CA GLY B 98 -26.29 -17.31 -3.88
C GLY B 98 -26.77 -16.17 -4.75
N GLU B 99 -26.44 -14.93 -4.38
CA GLU B 99 -26.95 -13.79 -5.13
C GLU B 99 -25.99 -13.18 -6.14
N GLU B 100 -26.59 -12.47 -7.10
CA GLU B 100 -25.87 -11.79 -8.15
C GLU B 100 -25.29 -10.52 -7.60
N ILE B 101 -24.00 -10.33 -7.83
CA ILE B 101 -23.31 -9.10 -7.43
C ILE B 101 -22.74 -8.47 -8.71
N PRO B 102 -22.74 -7.14 -8.80
CA PRO B 102 -22.26 -6.48 -10.02
C PRO B 102 -20.74 -6.59 -10.18
N VAL B 103 -20.27 -6.56 -11.42
CA VAL B 103 -18.84 -6.53 -11.70
C VAL B 103 -18.50 -5.17 -12.29
N TRP B 104 -17.64 -4.44 -11.58
CA TRP B 104 -17.21 -3.11 -12.03
C TRP B 104 -15.78 -3.14 -12.57
N ALA B 105 -15.52 -2.35 -13.60
CA ALA B 105 -14.16 -2.01 -13.99
C ALA B 105 -13.66 -0.88 -13.07
N ALA B 106 -12.42 -0.96 -12.60
CA ALA B 106 -11.91 0.03 -11.67
C ALA B 106 -10.47 0.40 -11.96
N ASN B 107 -10.12 1.66 -11.70
CA ASN B 107 -8.81 2.17 -12.11
C ASN B 107 -7.65 1.64 -11.28
N PHE B 108 -7.92 1.22 -10.05
CA PHE B 108 -6.88 0.70 -9.16
C PHE B 108 -6.63 -0.82 -9.22
N VAL B 109 -7.31 -1.52 -10.11
CA VAL B 109 -7.06 -2.95 -10.32
C VAL B 109 -6.14 -3.13 -11.53
N LEU B 110 -5.12 -3.97 -11.37
CA LEU B 110 -4.12 -4.19 -12.42
C LEU B 110 -4.27 -5.55 -13.06
N MET B 111 -3.98 -5.66 -14.36
CA MET B 111 -3.88 -6.96 -15.01
C MET B 111 -2.59 -7.68 -14.61
N GLU B 112 -1.48 -6.94 -14.68
CA GLU B 112 -0.14 -7.49 -14.50
C GLU B 112 0.08 -7.96 -13.06
N TYR B 113 0.79 -9.10 -12.95
CA TYR B 113 1.19 -9.73 -11.68
C TYR B 113 0.06 -10.43 -10.92
N GLY B 114 -1.14 -10.44 -11.48
CA GLY B 114 -2.27 -11.09 -10.82
C GLY B 114 -3.35 -11.61 -11.76
N THR B 115 -4.58 -11.68 -11.23
CA THR B 115 -5.75 -12.19 -11.97
C THR B 115 -6.56 -11.10 -12.65
N GLY B 116 -6.26 -9.85 -12.33
CA GLY B 116 -7.01 -8.72 -12.84
C GLY B 116 -8.40 -8.58 -12.21
N ALA B 117 -8.63 -9.26 -11.10
CA ALA B 117 -9.90 -9.16 -10.38
C ALA B 117 -9.70 -9.12 -8.86
N VAL B 118 -10.51 -8.33 -8.18
CA VAL B 118 -10.53 -8.31 -6.71
C VAL B 118 -11.98 -8.36 -6.19
N MET B 119 -12.18 -8.89 -4.99
CA MET B 119 -13.48 -8.76 -4.34
C MET B 119 -13.52 -7.47 -3.52
N ALA B 120 -14.73 -6.93 -3.33
CA ALA B 120 -14.92 -5.74 -2.52
C ALA B 120 -15.89 -6.01 -1.38
N VAL B 121 -15.58 -5.45 -0.21
CA VAL B 121 -16.38 -5.55 0.99
C VAL B 121 -16.42 -4.13 1.55
N PRO B 122 -17.31 -3.31 1.01
CA PRO B 122 -17.42 -1.88 1.38
C PRO B 122 -17.77 -1.61 2.84
N GLY B 123 -18.42 -2.55 3.51
CA GLY B 123 -18.66 -2.36 4.93
C GLY B 123 -17.39 -2.38 5.78
N HIS B 124 -16.30 -2.90 5.24
CA HIS B 124 -15.15 -3.21 6.10
C HIS B 124 -13.78 -2.95 5.48
N ASP B 125 -13.78 -2.18 4.40
CA ASP B 125 -12.57 -1.76 3.72
C ASP B 125 -12.84 -0.35 3.21
N GLN B 126 -11.97 0.56 3.63
CA GLN B 126 -12.30 1.97 3.50
C GLN B 126 -12.40 2.38 2.05
N ARG B 127 -11.43 1.97 1.23
CA ARG B 127 -11.46 2.31 -0.20
C ARG B 127 -12.74 1.77 -0.84
N ASP B 128 -13.07 0.52 -0.57
CA ASP B 128 -14.34 -0.05 -1.01
C ASP B 128 -15.55 0.76 -0.51
N TYR B 129 -15.53 1.20 0.75
CA TYR B 129 -16.60 2.08 1.27
C TYR B 129 -16.80 3.30 0.38
N GLU B 130 -15.69 3.94 0.02
CA GLU B 130 -15.74 5.18 -0.76
C GLU B 130 -16.13 4.94 -2.22
N PHE B 131 -15.69 3.81 -2.78
CA PHE B 131 -16.07 3.39 -4.13
C PHE B 131 -17.59 3.12 -4.19
N ALA B 132 -18.08 2.30 -3.26
CA ALA B 132 -19.50 1.97 -3.18
C ALA B 132 -20.38 3.21 -2.94
N SER B 133 -19.90 4.15 -2.14
CA SER B 133 -20.65 5.37 -1.84
C SER B 133 -20.76 6.25 -3.09
N LYS B 134 -19.64 6.38 -3.79
CA LYS B 134 -19.57 7.13 -5.03
C LYS B 134 -20.46 6.57 -6.14
N TYR B 135 -20.60 5.24 -6.17
CA TYR B 135 -21.23 4.58 -7.32
C TYR B 135 -22.54 3.86 -7.06
N GLY B 136 -23.03 3.95 -5.82
CA GLY B 136 -24.35 3.44 -5.46
C GLY B 136 -24.44 1.95 -5.22
N LEU B 137 -23.37 1.37 -4.67
CA LEU B 137 -23.30 -0.07 -4.44
C LEU B 137 -23.64 -0.41 -3.01
N ASN B 138 -24.04 -1.65 -2.75
CA ASN B 138 -24.49 -2.07 -1.43
C ASN B 138 -23.38 -2.11 -0.37
N ILE B 139 -23.64 -1.49 0.78
CA ILE B 139 -22.70 -1.48 1.88
C ILE B 139 -23.20 -2.39 2.99
N LYS B 140 -22.70 -3.62 3.00
CA LYS B 140 -23.25 -4.68 3.86
C LYS B 140 -22.38 -4.95 5.08
N PRO B 141 -22.94 -4.70 6.27
CA PRO B 141 -22.22 -4.94 7.54
C PRO B 141 -22.21 -6.43 7.86
N VAL B 142 -21.03 -6.98 8.17
CA VAL B 142 -20.92 -8.40 8.56
C VAL B 142 -20.01 -8.59 9.77
N ILE B 143 -19.44 -7.50 10.30
CA ILE B 143 -18.60 -7.57 11.50
C ILE B 143 -19.12 -6.63 12.58
N LEU B 144 -19.30 -7.18 13.78
CA LEU B 144 -19.74 -6.39 14.93
C LEU B 144 -18.63 -5.48 15.47
N ALA B 145 -19.02 -4.36 16.07
CA ALA B 145 -18.09 -3.49 16.83
C ALA B 145 -17.51 -4.26 18.01
N ALA B 146 -16.43 -3.74 18.59
CA ALA B 146 -15.75 -4.40 19.71
C ALA B 146 -16.68 -4.71 20.89
N ASP B 147 -17.64 -3.81 21.15
CA ASP B 147 -18.60 -4.00 22.24
C ASP B 147 -19.77 -4.92 21.88
N GLY B 148 -19.68 -5.60 20.73
CA GLY B 148 -20.67 -6.60 20.35
C GLY B 148 -21.90 -6.03 19.66
N SER B 149 -21.87 -4.73 19.36
CA SER B 149 -22.98 -4.04 18.70
C SER B 149 -22.78 -3.88 17.19
N GLU B 150 -23.88 -3.70 16.47
CA GLU B 150 -23.83 -3.54 15.02
C GLU B 150 -23.18 -2.21 14.68
N PRO B 151 -22.23 -2.25 13.75
CA PRO B 151 -21.40 -1.08 13.40
C PRO B 151 -22.20 0.07 12.80
N ASP B 152 -21.75 1.29 13.05
CA ASP B 152 -22.29 2.48 12.38
C ASP B 152 -21.48 2.72 11.12
N LEU B 153 -22.15 2.62 9.97
CA LEU B 153 -21.48 2.73 8.69
C LEU B 153 -22.01 3.92 7.90
N SER B 154 -22.53 4.92 8.61
CA SER B 154 -23.08 6.12 7.97
C SER B 154 -21.98 7.04 7.44
N GLN B 155 -20.79 6.97 8.05
CA GLN B 155 -19.66 7.82 7.69
C GLN B 155 -18.47 7.06 7.08
N GLN B 156 -18.14 5.89 7.64
CA GLN B 156 -16.94 5.14 7.20
C GLN B 156 -17.00 3.64 7.48
N ALA B 157 -16.10 2.89 6.85
CA ALA B 157 -15.99 1.43 7.03
C ALA B 157 -15.47 1.06 8.42
N LEU B 158 -15.78 -0.16 8.85
CA LEU B 158 -15.23 -0.70 10.09
C LEU B 158 -14.19 -1.76 9.73
N THR B 159 -12.91 -1.39 9.84
CA THR B 159 -11.83 -2.26 9.37
C THR B 159 -11.36 -3.26 10.42
N GLU B 160 -11.89 -3.12 11.64
CA GLU B 160 -11.46 -3.91 12.79
C GLU B 160 -11.90 -5.36 12.68
N LYS B 161 -11.00 -6.27 13.06
CA LYS B 161 -11.32 -7.69 13.09
C LYS B 161 -12.20 -7.95 14.30
N GLY B 162 -13.35 -8.59 14.07
CA GLY B 162 -14.35 -8.79 15.12
C GLY B 162 -15.19 -10.02 14.89
N VAL B 163 -16.33 -10.07 15.57
CA VAL B 163 -17.21 -11.24 15.54
C VAL B 163 -18.24 -11.07 14.41
N LEU B 164 -18.51 -12.17 13.71
CA LEU B 164 -19.39 -12.16 12.54
C LEU B 164 -20.89 -12.10 12.90
N PHE B 165 -21.63 -11.33 12.11
CA PHE B 165 -23.09 -11.33 12.09
C PHE B 165 -23.51 -11.12 10.64
N ASN B 166 -24.80 -11.31 10.33
CA ASN B 166 -25.31 -11.14 8.96
C ASN B 166 -24.55 -12.03 7.95
N SER B 167 -24.09 -13.18 8.44
CA SER B 167 -23.17 -14.07 7.72
C SER B 167 -23.64 -15.53 7.74
N GLY B 168 -24.94 -15.73 7.99
CA GLY B 168 -25.53 -17.06 7.96
C GLY B 168 -24.90 -18.03 8.96
N GLU B 169 -24.49 -19.21 8.48
CA GLU B 169 -23.89 -20.24 9.32
C GLU B 169 -22.58 -19.83 10.01
N PHE B 170 -22.00 -18.71 9.60
CA PHE B 170 -20.73 -18.26 10.18
C PHE B 170 -20.94 -17.23 11.31
N ASN B 171 -22.21 -16.99 11.66
CA ASN B 171 -22.55 -16.04 12.71
C ASN B 171 -21.99 -16.42 14.07
N GLY B 172 -21.51 -15.43 14.81
CA GLY B 172 -21.02 -15.63 16.16
C GLY B 172 -19.59 -16.11 16.25
N LEU B 173 -18.94 -16.30 15.10
CA LEU B 173 -17.53 -16.72 15.09
C LEU B 173 -16.60 -15.50 15.14
N ASP B 174 -15.54 -15.59 15.93
CA ASP B 174 -14.51 -14.54 15.96
C ASP B 174 -13.62 -14.63 14.72
N HIS B 175 -12.71 -13.67 14.57
CA HIS B 175 -11.93 -13.54 13.33
C HIS B 175 -11.23 -14.81 12.89
N GLU B 176 -10.52 -15.47 13.81
CA GLU B 176 -9.75 -16.67 13.51
C GLU B 176 -10.64 -17.85 13.09
N ALA B 177 -11.76 -18.03 13.80
CA ALA B 177 -12.65 -19.17 13.53
C ALA B 177 -13.44 -18.96 12.24
N ALA B 178 -13.78 -17.69 11.97
CA ALA B 178 -14.49 -17.30 10.77
C ALA B 178 -13.60 -17.41 9.53
N PHE B 179 -12.35 -16.97 9.66
CA PHE B 179 -11.33 -17.14 8.65
C PHE B 179 -11.25 -18.61 8.22
N ASN B 180 -11.06 -19.48 9.21
CA ASN B 180 -10.93 -20.91 8.99
C ASN B 180 -12.22 -21.58 8.47
N ALA B 181 -13.35 -21.27 9.10
CA ALA B 181 -14.64 -21.85 8.70
C ALA B 181 -14.98 -21.54 7.24
N ILE B 182 -14.82 -20.28 6.86
CA ILE B 182 -15.12 -19.87 5.49
C ILE B 182 -14.11 -20.44 4.48
N ALA B 183 -12.82 -20.44 4.85
CA ALA B 183 -11.80 -21.09 4.00
C ALA B 183 -12.08 -22.59 3.84
N ASP B 184 -12.48 -23.27 4.91
CA ASP B 184 -12.77 -24.71 4.84
C ASP B 184 -13.98 -24.99 3.96
N LYS B 185 -15.01 -24.15 4.09
CA LYS B 185 -16.24 -24.28 3.30
C LYS B 185 -15.99 -24.11 1.78
N LEU B 186 -15.32 -23.04 1.39
CA LEU B 186 -14.98 -22.82 -0.02
C LEU B 186 -14.09 -23.93 -0.57
N THR B 187 -13.19 -24.43 0.28
CA THR B 187 -12.34 -25.56 -0.07
C THR B 187 -13.18 -26.82 -0.28
N ALA B 188 -14.06 -27.13 0.66
CA ALA B 188 -14.93 -28.30 0.54
C ALA B 188 -15.79 -28.25 -0.74
N MET B 189 -16.26 -27.06 -1.10
CA MET B 189 -17.02 -26.86 -2.34
C MET B 189 -16.18 -26.90 -3.61
N GLY B 190 -14.87 -26.77 -3.48
CA GLY B 190 -13.99 -26.74 -4.63
C GLY B 190 -14.00 -25.39 -5.33
N VAL B 191 -14.45 -24.36 -4.62
CA VAL B 191 -14.63 -23.02 -5.19
C VAL B 191 -13.50 -22.08 -4.76
N GLY B 192 -12.82 -22.46 -3.68
CA GLY B 192 -11.78 -21.65 -3.09
C GLY B 192 -10.66 -22.51 -2.56
N GLU B 193 -9.51 -21.89 -2.31
CA GLU B 193 -8.30 -22.60 -1.91
C GLU B 193 -7.48 -21.69 -1.00
N ARG B 194 -7.02 -22.22 0.13
CA ARG B 194 -6.06 -21.49 0.96
C ARG B 194 -4.74 -21.40 0.20
N LYS B 195 -4.11 -20.24 0.30
CA LYS B 195 -2.80 -20.04 -0.30
C LYS B 195 -1.90 -19.41 0.77
#